data_4MOT
#
_entry.id   4MOT
#
_cell.length_a   73.603
_cell.length_b   94.571
_cell.length_c   61.001
_cell.angle_alpha   90.00
_cell.angle_beta   90.00
_cell.angle_gamma   90.00
#
_symmetry.space_group_name_H-M   'C 2 2 21'
#
loop_
_entity.id
_entity.type
_entity.pdbx_description
1 polymer 'Topoisomerase IV subunit B'
2 non-polymer 1-[4-(3-methylbutyl)-5-oxo-6-(pyridin-3-yl)-4,5-dihydro[1,3]thiazolo[5,4-b]pyridin-2-yl]-3-prop-2-en-1-ylurea
3 water water
#
_entity_poly.entity_id   1
_entity_poly.type   'polypeptide(L)'
_entity_poly.pdbx_seq_one_letter_code
;MSKKEININNYNDDAIQVLEGLDAVRKRPGMYIGSTDGAGLHHLVWEIVDNAVDEALSGFGDRIDVTINKDGSLTVQDHG
RGMPTGMHAMGIPTVEVIFTILHAGGKFGQGGYKTSGGLHGVGSSVVNALSSWLEVEITRDGAVYKQRFENGGKPVTTLK
KIGTALKSKTGTKVTFMPDATIFSTTDFKYNTISERLNESAFLLKNVTLSLTDKRTDEAIEFHYEN
;
_entity_poly.pdbx_strand_id   A
#
loop_
_chem_comp.id
_chem_comp.type
_chem_comp.name
_chem_comp.formula
2B7 non-polymer 1-[4-(3-methylbutyl)-5-oxo-6-(pyridin-3-yl)-4,5-dihydro[1,3]thiazolo[5,4-b]pyridin-2-yl]-3-prop-2-en-1-ylurea 'C20 H23 N5 O2 S'
#
# COMPACT_ATOMS: atom_id res chain seq x y z
N GLN A 17 2.95 22.43 12.28
CA GLN A 17 2.73 21.55 11.08
C GLN A 17 1.35 21.82 10.44
N VAL A 18 1.32 22.18 9.17
CA VAL A 18 0.07 22.45 8.49
C VAL A 18 -0.40 21.16 7.79
N LEU A 19 -1.60 20.71 8.15
CA LEU A 19 -2.18 19.54 7.52
C LEU A 19 -2.87 19.97 6.22
N GLU A 20 -2.89 19.06 5.26
CA GLU A 20 -3.53 19.32 3.99
C GLU A 20 -4.38 18.12 3.57
N GLY A 21 -5.35 18.40 2.70
CA GLY A 21 -6.09 17.36 2.01
C GLY A 21 -5.38 16.79 0.78
N LEU A 22 -6.01 15.79 0.18
CA LEU A 22 -5.41 15.06 -0.93
C LEU A 22 -5.34 15.86 -2.24
N ASP A 23 -6.24 16.83 -2.42
CA ASP A 23 -6.12 17.78 -3.57
C ASP A 23 -4.73 18.46 -3.71
N ALA A 24 -4.06 18.73 -2.59
CA ALA A 24 -2.71 19.34 -2.61
C ALA A 24 -1.66 18.45 -3.30
N VAL A 25 -1.74 17.15 -3.01
CA VAL A 25 -0.89 16.17 -3.67
C VAL A 25 -1.23 16.13 -5.19
N ARG A 26 -2.52 16.12 -5.53
CA ARG A 26 -2.93 15.95 -6.92
C ARG A 26 -2.55 17.17 -7.74
N LYS A 27 -2.46 18.34 -7.10
CA LYS A 27 -2.10 19.55 -7.86
C LYS A 27 -0.56 19.74 -8.00
N ARG A 28 0.21 19.06 -7.18
CA ARG A 28 1.64 19.16 -7.21
C ARG A 28 2.26 17.79 -6.95
N PRO A 29 1.96 16.81 -7.83
CA PRO A 29 2.45 15.46 -7.50
C PRO A 29 3.99 15.36 -7.42
N GLY A 30 4.72 16.11 -8.26
CA GLY A 30 6.19 16.08 -8.26
C GLY A 30 6.86 16.42 -6.93
N MET A 31 6.19 17.26 -6.13
CA MET A 31 6.65 17.64 -4.79
C MET A 31 6.67 16.45 -3.80
N TYR A 32 5.86 15.44 -4.11
CA TYR A 32 5.67 14.29 -3.22
C TYR A 32 6.36 13.01 -3.73
N ILE A 33 6.33 12.80 -5.06
CA ILE A 33 6.86 11.59 -5.67
C ILE A 33 7.92 11.86 -6.75
N GLY A 34 8.35 13.12 -6.86
CA GLY A 34 9.50 13.48 -7.66
C GLY A 34 9.19 13.76 -9.11
N SER A 35 8.25 13.00 -9.68
CA SER A 35 7.93 13.06 -11.09
C SER A 35 6.66 12.29 -11.33
N THR A 36 6.11 12.44 -12.53
CA THR A 36 4.88 11.74 -12.92
C THR A 36 5.11 10.76 -14.09
N ASP A 37 6.36 10.39 -14.28
CA ASP A 37 6.78 9.37 -15.25
C ASP A 37 6.87 8.03 -14.51
N GLY A 38 7.55 7.05 -15.13
CA GLY A 38 7.71 5.74 -14.50
C GLY A 38 8.39 5.78 -13.16
N ALA A 39 9.33 6.71 -12.95
CA ALA A 39 10.02 6.83 -11.64
C ALA A 39 9.00 7.19 -10.56
N GLY A 40 8.13 8.14 -10.88
CA GLY A 40 7.10 8.53 -9.93
C GLY A 40 6.08 7.43 -9.71
N LEU A 41 5.68 6.75 -10.79
CA LEU A 41 4.71 5.65 -10.72
C LEU A 41 5.24 4.62 -9.69
N HIS A 42 6.54 4.33 -9.77
CA HIS A 42 7.14 3.26 -8.96
C HIS A 42 7.39 3.73 -7.54
N HIS A 43 7.55 5.03 -7.32
CA HIS A 43 7.55 5.58 -5.96
C HIS A 43 6.32 5.21 -5.16
N LEU A 44 5.17 5.10 -5.84
CA LEU A 44 3.93 4.68 -5.17
C LEU A 44 4.07 3.29 -4.56
N VAL A 45 4.69 2.37 -5.33
CA VAL A 45 5.01 1.01 -4.87
C VAL A 45 5.94 1.09 -3.68
N TRP A 46 7.01 1.88 -3.79
CA TRP A 46 8.00 1.96 -2.72
C TRP A 46 7.36 2.44 -1.42
N GLU A 47 6.43 3.40 -1.45
CA GLU A 47 5.82 3.90 -0.20
C GLU A 47 5.04 2.79 0.54
N ILE A 48 4.22 2.07 -0.22
CA ILE A 48 3.43 1.00 0.34
C ILE A 48 4.27 -0.17 0.83
N VAL A 49 5.18 -0.60 -0.03
CA VAL A 49 6.16 -1.62 0.37
C VAL A 49 6.92 -1.22 1.63
N ASP A 50 7.39 0.03 1.70
CA ASP A 50 8.21 0.49 2.84
C ASP A 50 7.39 0.40 4.15
N ASN A 51 6.09 0.65 4.09
CA ASN A 51 5.24 0.57 5.30
C ASN A 51 5.14 -0.89 5.78
N ALA A 52 5.08 -1.85 4.84
CA ALA A 52 5.05 -3.27 5.21
C ALA A 52 6.41 -3.69 5.75
N VAL A 53 7.46 -3.20 5.10
CA VAL A 53 8.85 -3.44 5.56
C VAL A 53 9.08 -2.85 6.97
N ASP A 54 8.64 -1.62 7.23
CA ASP A 54 8.74 -1.05 8.59
C ASP A 54 8.09 -1.96 9.65
N GLU A 55 6.91 -2.47 9.35
CA GLU A 55 6.18 -3.33 10.25
C GLU A 55 6.97 -4.63 10.54
N ALA A 56 7.58 -5.20 9.50
CA ALA A 56 8.37 -6.44 9.63
C ALA A 56 9.66 -6.15 10.39
N LEU A 57 10.26 -4.98 10.16
CA LEU A 57 11.47 -4.61 10.87
C LEU A 57 11.20 -4.51 12.37
N SER A 58 9.99 -4.08 12.74
CA SER A 58 9.59 -3.99 14.16
C SER A 58 9.28 -5.36 14.79
N GLY A 59 9.36 -6.41 13.96
CA GLY A 59 9.18 -7.80 14.32
C GLY A 59 7.83 -8.42 14.01
N PHE A 60 7.00 -7.75 13.20
CA PHE A 60 5.67 -8.26 12.91
C PHE A 60 5.50 -8.65 11.46
N GLY A 61 5.49 -9.96 11.23
CA GLY A 61 5.27 -10.51 9.89
C GLY A 61 6.56 -11.01 9.26
N ASP A 62 6.48 -12.17 8.63
CA ASP A 62 7.71 -12.69 8.00
C ASP A 62 7.61 -12.92 6.50
N ARG A 63 6.55 -12.37 5.91
CA ARG A 63 6.49 -12.30 4.45
C ARG A 63 5.70 -11.13 3.98
N ILE A 64 6.14 -10.61 2.85
CA ILE A 64 5.51 -9.47 2.22
C ILE A 64 5.32 -9.83 0.75
N ASP A 65 4.06 -9.94 0.34
CA ASP A 65 3.72 -10.38 -1.03
C ASP A 65 3.23 -9.20 -1.88
N VAL A 66 3.85 -9.03 -3.04
CA VAL A 66 3.48 -8.00 -3.99
C VAL A 66 2.92 -8.68 -5.26
N THR A 67 1.78 -8.18 -5.73
CA THR A 67 1.19 -8.71 -6.95
C THR A 67 0.85 -7.59 -7.93
N ILE A 68 1.27 -7.74 -9.18
CA ILE A 68 0.88 -6.80 -10.23
C ILE A 68 -0.32 -7.48 -10.87
N ASN A 69 -1.48 -6.87 -10.70
CA ASN A 69 -2.76 -7.47 -11.12
C ASN A 69 -3.02 -7.23 -12.63
N LYS A 70 -3.86 -8.08 -13.22
CA LYS A 70 -4.11 -8.02 -14.68
C LYS A 70 -4.75 -6.68 -15.08
N ASP A 71 -5.55 -6.12 -14.18
CA ASP A 71 -6.20 -4.84 -14.44
C ASP A 71 -5.30 -3.61 -14.30
N GLY A 72 -4.02 -3.82 -13.97
CA GLY A 72 -3.10 -2.68 -13.81
C GLY A 72 -2.90 -2.23 -12.37
N SER A 73 -3.69 -2.77 -11.45
CA SER A 73 -3.53 -2.36 -10.06
C SER A 73 -2.40 -3.16 -9.46
N LEU A 74 -2.02 -2.79 -8.25
CA LEU A 74 -0.90 -3.44 -7.55
C LEU A 74 -1.32 -3.67 -6.11
N THR A 75 -1.01 -4.86 -5.58
CA THR A 75 -1.39 -5.24 -4.26
C THR A 75 -0.11 -5.48 -3.47
N VAL A 76 -0.11 -5.00 -2.22
CA VAL A 76 0.94 -5.37 -1.26
C VAL A 76 0.21 -6.00 -0.07
N GLN A 77 0.71 -7.11 0.40
CA GLN A 77 0.13 -7.79 1.58
C GLN A 77 1.18 -8.10 2.63
N ASP A 78 0.89 -7.70 3.87
CA ASP A 78 1.78 -8.05 4.96
C ASP A 78 1.00 -8.87 5.99
N HIS A 79 1.74 -9.47 6.89
CA HIS A 79 1.20 -10.34 7.96
C HIS A 79 1.63 -9.77 9.33
N GLY A 80 1.74 -8.44 9.38
CA GLY A 80 2.05 -7.69 10.59
C GLY A 80 0.80 -7.58 11.46
N ARG A 81 0.76 -6.58 12.33
CA ARG A 81 -0.26 -6.50 13.39
C ARG A 81 -1.68 -6.09 12.82
N GLY A 82 -1.70 -5.51 11.63
CA GLY A 82 -2.89 -4.90 11.06
C GLY A 82 -2.91 -3.44 11.46
N MET A 83 -3.13 -2.58 10.48
CA MET A 83 -3.40 -1.16 10.78
C MET A 83 -4.48 -1.07 11.85
N PRO A 84 -4.39 -0.05 12.73
CA PRO A 84 -5.45 0.07 13.71
C PRO A 84 -6.85 0.17 13.08
N THR A 85 -7.79 -0.47 13.75
CA THR A 85 -9.16 -0.60 13.23
C THR A 85 -10.18 0.27 14.00
N GLY A 86 -9.68 1.07 14.95
CA GLY A 86 -10.54 1.91 15.78
C GLY A 86 -10.84 3.25 15.15
N MET A 87 -11.37 4.16 15.95
CA MET A 87 -11.71 5.47 15.40
C MET A 87 -10.88 6.58 16.02
N HIS A 88 -10.80 7.66 15.24
CA HIS A 88 -10.27 8.94 15.59
C HIS A 88 -11.50 9.80 15.95
N ALA A 89 -11.44 11.10 15.72
CA ALA A 89 -12.51 12.01 16.08
C ALA A 89 -13.73 11.79 15.17
N MET A 90 -14.91 12.12 15.69
CA MET A 90 -16.17 12.22 14.91
C MET A 90 -16.54 10.90 14.17
N GLY A 91 -16.20 9.77 14.77
CA GLY A 91 -16.50 8.48 14.17
C GLY A 91 -15.68 8.12 12.94
N ILE A 92 -14.61 8.87 12.65
CA ILE A 92 -13.77 8.64 11.48
C ILE A 92 -12.71 7.56 11.83
N PRO A 93 -12.70 6.45 11.09
CA PRO A 93 -11.68 5.42 11.33
C PRO A 93 -10.25 6.02 11.26
N THR A 94 -9.41 5.58 12.16
CA THR A 94 -7.98 5.89 12.13
C THR A 94 -7.35 5.62 10.75
N VAL A 95 -7.74 4.52 10.12
CA VAL A 95 -7.21 4.17 8.78
C VAL A 95 -7.63 5.22 7.74
N GLU A 96 -8.84 5.76 7.87
CA GLU A 96 -9.30 6.79 6.93
C GLU A 96 -8.45 8.05 7.15
N VAL A 97 -8.17 8.39 8.40
CA VAL A 97 -7.26 9.51 8.70
C VAL A 97 -5.86 9.32 8.09
N ILE A 98 -5.29 8.12 8.22
CA ILE A 98 -3.99 7.74 7.63
C ILE A 98 -3.97 7.96 6.12
N PHE A 99 -5.09 7.61 5.49
CA PHE A 99 -5.15 7.59 4.04
C PHE A 99 -5.65 8.89 3.39
N THR A 100 -6.12 9.84 4.18
CA THR A 100 -6.77 11.02 3.61
C THR A 100 -6.29 12.39 4.14
N ILE A 101 -5.38 12.42 5.11
CA ILE A 101 -4.78 13.69 5.58
C ILE A 101 -3.29 13.62 5.33
N LEU A 102 -2.79 14.64 4.64
CA LEU A 102 -1.39 14.77 4.32
C LEU A 102 -0.68 15.51 5.47
N HIS A 103 0.32 14.85 6.04
CA HIS A 103 1.08 15.41 7.17
C HIS A 103 2.28 16.28 6.69
N ALA A 104 2.06 17.00 5.57
CA ALA A 104 3.05 17.89 4.96
C ALA A 104 3.18 19.18 5.76
N VAL A 122 3.82 9.58 5.82
CA VAL A 122 3.00 10.31 4.82
C VAL A 122 2.71 9.54 3.48
N GLY A 123 3.40 8.43 3.23
CA GLY A 123 3.18 7.69 1.98
C GLY A 123 1.75 7.23 1.68
N SER A 124 1.02 6.73 2.68
CA SER A 124 -0.28 6.13 2.41
C SER A 124 -1.21 7.13 1.74
N SER A 125 -1.27 8.33 2.32
CA SER A 125 -2.17 9.37 1.81
C SER A 125 -1.74 9.82 0.41
N VAL A 126 -0.42 9.89 0.16
CA VAL A 126 0.10 10.30 -1.18
C VAL A 126 -0.30 9.27 -2.26
N VAL A 127 -0.20 7.98 -1.95
CA VAL A 127 -0.60 6.93 -2.88
C VAL A 127 -2.10 6.97 -3.14
N ASN A 128 -2.90 7.17 -2.08
CA ASN A 128 -4.34 7.30 -2.21
C ASN A 128 -4.74 8.48 -3.12
N ALA A 129 -4.09 9.61 -2.87
CA ALA A 129 -4.32 10.84 -3.66
C ALA A 129 -4.08 10.63 -5.13
N LEU A 130 -3.08 9.83 -5.47
CA LEU A 130 -2.67 9.64 -6.85
C LEU A 130 -3.18 8.36 -7.50
N SER A 131 -4.20 7.77 -6.86
CA SER A 131 -4.86 6.55 -7.32
C SER A 131 -6.33 6.85 -7.70
N SER A 132 -6.79 6.23 -8.81
CA SER A 132 -8.20 6.29 -9.18
C SER A 132 -9.05 5.38 -8.30
N TRP A 133 -8.41 4.41 -7.65
CA TRP A 133 -9.04 3.72 -6.53
C TRP A 133 -8.01 3.08 -5.68
N LEU A 134 -8.42 2.84 -4.43
CA LEU A 134 -7.56 2.17 -3.44
C LEU A 134 -8.43 1.41 -2.43
N GLU A 135 -8.00 0.19 -2.08
CA GLU A 135 -8.62 -0.60 -1.03
C GLU A 135 -7.63 -1.01 0.00
N VAL A 136 -8.02 -0.90 1.26
CA VAL A 136 -7.22 -1.39 2.36
C VAL A 136 -8.05 -2.44 3.08
N GLU A 137 -7.42 -3.58 3.33
CA GLU A 137 -8.08 -4.67 4.04
C GLU A 137 -7.21 -4.93 5.24
N ILE A 138 -7.83 -5.03 6.41
CA ILE A 138 -7.11 -5.25 7.67
C ILE A 138 -7.70 -6.50 8.32
N THR A 139 -6.83 -7.32 8.85
CA THR A 139 -7.23 -8.58 9.52
C THR A 139 -6.60 -8.55 10.89
N ARG A 140 -7.46 -8.66 11.89
CA ARG A 140 -7.05 -8.79 13.29
C ARG A 140 -8.22 -9.07 14.20
N ASP A 141 -7.88 -9.72 15.32
CA ASP A 141 -8.81 -9.91 16.44
C ASP A 141 -10.02 -10.75 16.01
N GLY A 142 -9.80 -11.66 15.03
CA GLY A 142 -10.87 -12.52 14.52
C GLY A 142 -11.76 -11.90 13.45
N ALA A 143 -11.38 -10.72 12.96
CA ALA A 143 -12.20 -9.94 12.02
C ALA A 143 -11.40 -9.47 10.82
N VAL A 144 -12.11 -9.32 9.70
CA VAL A 144 -11.53 -8.77 8.49
C VAL A 144 -12.32 -7.53 8.13
N TYR A 145 -11.59 -6.43 7.92
CA TYR A 145 -12.20 -5.13 7.65
C TYR A 145 -11.71 -4.58 6.33
N LYS A 146 -12.54 -3.75 5.68
CA LYS A 146 -12.13 -3.15 4.43
C LYS A 146 -12.67 -1.72 4.28
N GLN A 147 -11.84 -0.86 3.71
CA GLN A 147 -12.28 0.48 3.26
C GLN A 147 -11.84 0.70 1.83
N ARG A 148 -12.71 1.32 1.04
CA ARG A 148 -12.42 1.60 -0.36
C ARG A 148 -12.52 3.10 -0.59
N PHE A 149 -11.54 3.58 -1.34
CA PHE A 149 -11.46 4.97 -1.80
C PHE A 149 -11.45 5.01 -3.33
N GLU A 150 -11.98 6.08 -3.90
CA GLU A 150 -11.97 6.31 -5.32
C GLU A 150 -11.66 7.75 -5.66
N ASN A 151 -11.19 7.92 -6.88
CA ASN A 151 -11.07 9.25 -7.51
C ASN A 151 -10.19 10.22 -6.68
N GLY A 152 -8.98 9.77 -6.42
CA GLY A 152 -8.01 10.55 -5.71
C GLY A 152 -8.26 10.53 -4.23
N GLY A 153 -8.76 9.40 -3.74
CA GLY A 153 -8.78 9.17 -2.30
C GLY A 153 -10.00 9.60 -1.52
N LYS A 154 -11.14 9.70 -2.19
CA LYS A 154 -12.41 10.02 -1.53
C LYS A 154 -13.00 8.69 -1.04
N PRO A 155 -13.29 8.58 0.29
CA PRO A 155 -13.85 7.30 0.76
C PRO A 155 -15.26 7.07 0.19
N VAL A 156 -15.50 5.88 -0.37
CA VAL A 156 -16.82 5.49 -0.88
C VAL A 156 -17.46 4.46 0.07
N THR A 157 -16.70 4.04 1.07
CA THR A 157 -17.20 3.25 2.17
C THR A 157 -16.48 3.76 3.44
N THR A 158 -17.03 3.41 4.59
CA THR A 158 -16.30 3.50 5.85
C THR A 158 -15.43 2.23 6.00
N LEU A 159 -14.81 2.07 7.18
CA LEU A 159 -14.05 0.86 7.48
C LEU A 159 -15.09 -0.16 7.96
N LYS A 160 -15.44 -1.10 7.08
CA LYS A 160 -16.52 -2.06 7.22
C LYS A 160 -15.95 -3.43 7.59
N LYS A 161 -16.55 -4.10 8.57
CA LYS A 161 -16.22 -5.52 8.77
C LYS A 161 -16.88 -6.33 7.65
N ILE A 162 -16.07 -7.07 6.91
CA ILE A 162 -16.48 -7.87 5.75
C ILE A 162 -16.48 -9.39 6.04
N GLY A 163 -15.78 -9.81 7.10
CA GLY A 163 -15.63 -11.23 7.38
C GLY A 163 -14.91 -11.54 8.69
N THR A 164 -14.59 -12.82 8.86
CA THR A 164 -13.91 -13.30 10.04
C THR A 164 -12.69 -14.13 9.62
N ALA A 165 -11.78 -14.29 10.58
CA ALA A 165 -10.57 -15.06 10.41
C ALA A 165 -10.23 -15.64 11.76
N LEU A 166 -9.34 -16.61 11.76
CA LEU A 166 -8.83 -17.16 13.02
C LEU A 166 -8.28 -15.99 13.85
N LYS A 167 -8.44 -16.10 15.16
CA LYS A 167 -8.05 -15.01 16.07
C LYS A 167 -6.59 -14.70 15.94
N SER A 168 -5.81 -15.72 15.61
CA SER A 168 -4.37 -15.65 15.36
C SER A 168 -3.92 -14.91 14.11
N LYS A 169 -4.83 -14.65 13.18
CA LYS A 169 -4.46 -14.15 11.87
C LYS A 169 -4.41 -12.59 11.95
N THR A 170 -3.30 -12.04 11.45
CA THR A 170 -3.14 -10.59 11.45
C THR A 170 -2.45 -10.13 10.16
N GLY A 171 -2.82 -8.92 9.75
CA GLY A 171 -2.09 -8.22 8.69
C GLY A 171 -2.86 -7.12 7.99
N THR A 172 -2.18 -6.54 6.99
CA THR A 172 -2.68 -5.42 6.17
C THR A 172 -2.52 -5.80 4.70
N LYS A 173 -3.51 -5.42 3.89
CA LYS A 173 -3.44 -5.58 2.42
C LYS A 173 -3.87 -4.25 1.78
N VAL A 174 -3.06 -3.72 0.88
CA VAL A 174 -3.35 -2.44 0.21
C VAL A 174 -3.27 -2.73 -1.26
N THR A 175 -4.34 -2.37 -1.97
CA THR A 175 -4.38 -2.50 -3.42
C THR A 175 -4.74 -1.14 -3.97
N PHE A 176 -4.04 -0.72 -5.03
CA PHE A 176 -4.30 0.60 -5.59
C PHE A 176 -4.13 0.62 -7.11
N MET A 177 -4.90 1.47 -7.76
CA MET A 177 -4.83 1.65 -9.19
C MET A 177 -4.32 3.05 -9.44
N PRO A 178 -3.09 3.19 -9.99
CA PRO A 178 -2.51 4.54 -10.23
C PRO A 178 -3.41 5.31 -11.21
N ASP A 179 -3.56 6.62 -10.94
CA ASP A 179 -4.43 7.49 -11.72
C ASP A 179 -3.81 7.80 -13.08
N ALA A 180 -4.41 7.26 -14.16
CA ALA A 180 -3.95 7.45 -15.55
C ALA A 180 -4.09 8.90 -16.01
N THR A 181 -4.90 9.71 -15.29
CA THR A 181 -4.96 11.14 -15.59
C THR A 181 -3.74 11.92 -15.04
N ILE A 182 -2.93 11.30 -14.17
CA ILE A 182 -1.73 11.97 -13.63
C ILE A 182 -0.41 11.45 -14.21
N PHE A 183 -0.27 10.13 -14.30
CA PHE A 183 0.97 9.53 -14.74
C PHE A 183 1.03 9.38 -16.25
N SER A 184 2.23 9.60 -16.80
CA SER A 184 2.52 9.43 -18.24
C SER A 184 2.53 7.97 -18.64
N THR A 185 2.84 7.09 -17.67
CA THR A 185 2.76 5.68 -17.86
C THR A 185 2.16 5.08 -16.57
N THR A 186 1.26 4.11 -16.73
CA THR A 186 0.69 3.37 -15.60
C THR A 186 1.09 1.89 -15.63
N ASP A 187 2.09 1.56 -16.45
CA ASP A 187 2.64 0.20 -16.59
C ASP A 187 3.72 -0.05 -15.53
N PHE A 188 3.36 -0.84 -14.50
CA PHE A 188 4.39 -1.27 -13.55
C PHE A 188 5.40 -2.18 -14.24
N LYS A 189 6.68 -2.04 -13.87
CA LYS A 189 7.74 -2.83 -14.48
C LYS A 189 8.21 -3.92 -13.51
N TYR A 190 7.99 -5.16 -13.92
CA TYR A 190 8.34 -6.31 -13.05
C TYR A 190 9.82 -6.26 -12.65
N ASN A 191 10.71 -5.96 -13.62
CA ASN A 191 12.16 -6.04 -13.30
C ASN A 191 12.57 -4.97 -12.29
N THR A 192 11.97 -3.79 -12.41
CA THR A 192 12.22 -2.66 -11.51
C THR A 192 11.77 -3.00 -10.08
N ILE A 193 10.58 -3.56 -10.00
CA ILE A 193 10.01 -3.97 -8.68
C ILE A 193 10.83 -5.13 -8.07
N SER A 194 11.15 -6.12 -8.88
CA SER A 194 11.90 -7.29 -8.41
C SER A 194 13.24 -6.86 -7.77
N GLU A 195 13.97 -5.98 -8.44
CA GLU A 195 15.27 -5.47 -7.92
C GLU A 195 15.11 -4.78 -6.59
N ARG A 196 14.09 -3.92 -6.47
CA ARG A 196 13.86 -3.21 -5.22
C ARG A 196 13.46 -4.14 -4.09
N LEU A 197 12.65 -5.17 -4.38
CA LEU A 197 12.21 -6.10 -3.31
C LEU A 197 13.37 -7.01 -2.87
N ASN A 198 14.21 -7.37 -3.84
CA ASN A 198 15.44 -8.14 -3.57
C ASN A 198 16.30 -7.36 -2.54
N GLU A 199 16.53 -6.08 -2.86
CA GLU A 199 17.32 -5.19 -1.99
C GLU A 199 16.68 -5.08 -0.63
N SER A 200 15.36 -4.86 -0.59
CA SER A 200 14.66 -4.75 0.69
C SER A 200 14.74 -6.03 1.53
N ALA A 201 14.60 -7.20 0.87
CA ALA A 201 14.81 -8.50 1.56
C ALA A 201 16.21 -8.62 2.17
N PHE A 202 17.20 -8.17 1.39
CA PHE A 202 18.59 -8.23 1.85
C PHE A 202 18.82 -7.31 3.09
N LEU A 203 18.29 -6.10 3.07
CA LEU A 203 18.36 -5.18 4.22
C LEU A 203 17.57 -5.70 5.45
N LEU A 204 16.38 -6.27 5.25
CA LEU A 204 15.53 -6.74 6.37
C LEU A 204 16.05 -7.96 7.12
N LYS A 205 16.45 -8.96 6.33
CA LYS A 205 16.77 -10.30 6.80
C LYS A 205 15.56 -11.06 7.33
N ASN A 206 15.56 -12.38 7.08
CA ASN A 206 14.60 -13.30 7.67
C ASN A 206 13.14 -12.98 7.34
N VAL A 207 12.93 -12.32 6.21
CA VAL A 207 11.58 -12.00 5.75
C VAL A 207 11.53 -12.30 4.24
N THR A 208 10.52 -13.07 3.84
CA THR A 208 10.35 -13.36 2.42
C THR A 208 9.61 -12.22 1.74
N LEU A 209 10.19 -11.71 0.65
CA LEU A 209 9.52 -10.74 -0.21
C LEU A 209 9.18 -11.47 -1.50
N SER A 210 7.94 -11.38 -2.00
CA SER A 210 7.56 -12.08 -3.25
C SER A 210 7.01 -11.07 -4.23
N LEU A 211 7.14 -11.42 -5.51
CA LEU A 211 6.56 -10.64 -6.58
C LEU A 211 5.91 -11.63 -7.52
N THR A 212 4.65 -11.36 -7.86
CA THR A 212 3.89 -12.17 -8.84
C THR A 212 3.31 -11.21 -9.86
N ASP A 213 3.52 -11.48 -11.16
CA ASP A 213 2.96 -10.65 -12.23
C ASP A 213 1.79 -11.40 -12.89
N LYS A 214 0.55 -10.99 -12.62
CA LYS A 214 -0.59 -11.69 -13.20
C LYS A 214 -0.75 -11.40 -14.70
N ARG A 215 0.01 -10.43 -15.23
CA ARG A 215 -0.05 -10.10 -16.68
C ARG A 215 0.74 -11.09 -17.53
N THR A 216 1.83 -11.60 -16.98
CA THR A 216 2.75 -12.47 -17.67
C THR A 216 2.96 -13.82 -16.95
N ASP A 217 2.40 -13.95 -15.74
CA ASP A 217 2.54 -15.14 -14.81
C ASP A 217 3.91 -15.27 -14.09
N GLU A 218 4.85 -14.36 -14.36
CA GLU A 218 6.17 -14.39 -13.78
C GLU A 218 6.07 -14.25 -12.27
N ALA A 219 7.01 -14.86 -11.58
CA ALA A 219 6.99 -14.90 -10.13
C ALA A 219 8.38 -15.17 -9.61
N ILE A 220 8.68 -14.57 -8.45
CA ILE A 220 9.96 -14.69 -7.80
C ILE A 220 9.78 -14.44 -6.29
N GLU A 221 10.64 -15.07 -5.50
CA GLU A 221 10.73 -14.81 -4.04
C GLU A 221 12.17 -14.57 -3.63
N PHE A 222 12.31 -13.70 -2.62
CA PHE A 222 13.63 -13.37 -2.05
C PHE A 222 13.57 -13.56 -0.55
N HIS A 223 14.64 -14.13 0.03
CA HIS A 223 14.73 -14.33 1.47
C HIS A 223 16.21 -14.43 1.80
N TYR A 224 16.67 -13.59 2.73
CA TYR A 224 18.06 -13.70 3.22
C TYR A 224 18.11 -14.01 4.73
N GLU A 225 18.63 -15.19 5.10
CA GLU A 225 18.84 -15.54 6.53
C GLU A 225 20.13 -14.92 7.05
N ASN A 226 20.20 -14.50 8.32
CA ASN A 226 21.50 -13.99 8.85
C ASN A 226 22.12 -14.77 10.02
C1 2B7 B . 0.20 5.19 10.33
C2 2B7 B . 1.36 4.44 9.71
C3 2B7 B . 1.08 4.12 8.24
N6 2B7 B . 0.41 1.03 11.16
C7 2B7 B . 0.26 0.76 12.50
C9 2B7 B . 0.38 -0.66 12.95
C10 2B7 B . 0.64 -1.63 12.05
C11 2B7 B . 0.80 -1.31 10.67
C12 2B7 B . 0.66 -0.01 10.29
C14 2B7 B . 1.09 -1.54 8.51
C20 2B7 B . 1.38 -1.85 3.66
C21 2B7 B . 0.70 -2.82 2.78
C22 2B7 B . 0.33 -4.03 3.19
C24 2B7 B . 0.99 -0.27 15.30
C4 2B7 B . 1.56 3.14 10.50
C5 2B7 B . 0.25 2.41 10.71
O8 2B7 B . 0.02 1.67 13.30
S13 2B7 B . 0.86 0.18 8.59
N15 2B7 B . 1.04 -2.18 9.65
N16 2B7 B . 1.35 -2.19 7.33
C17 2B7 B . 1.31 -1.53 6.11
O18 2B7 B . 1.00 -0.34 6.03
N19 2B7 B . 1.61 -2.33 5.05
C23 2B7 B . 0.24 -0.98 14.39
C25 2B7 B . 0.82 -0.58 16.63
C26 2B7 B . -0.10 -1.55 16.98
N27 2B7 B . -0.85 -2.27 16.14
C28 2B7 B . -0.63 -1.94 14.85
#